data_2ZYO
#
_entry.id   2ZYO
#
_cell.length_a   48.314
_cell.length_b   79.846
_cell.length_c   90.467
_cell.angle_alpha   90.00
_cell.angle_beta   90.00
_cell.angle_gamma   90.00
#
_symmetry.space_group_name_H-M   'P 21 21 21'
#
loop_
_entity.id
_entity.type
_entity.pdbx_description
1 polymer 'solute-binding protein'
2 branched alpha-D-glucopyranose-(1-4)-alpha-D-glucopyranose
3 water water
#
_entity_poly.entity_id   1
_entity_poly.type   'polypeptide(L)'
_entity_poly.pdbx_seq_one_letter_code
;CGPKRDPYAKAGKSEGKPDKLVVWENADDGVQLNNTKKWAGEFTKKTGIQVEVVPVALLKQQEKLTLDGPAGKGADLVTW
PHDRLGEAVTKGLLQPIQVDNSVKNQFDDVAMKALTYGGKLYGLPKAIESVALIYNKKLMGQVPATYDELFQYAKANNKP
DEQKYGVLFEANNFYYTYFLFAAKGAAVFKEQDGTLDPNEIGLNSPEAVQGMNEVQKWFTEARLPQSLKADTVNGLFKSG
KVAAVINGPWAIKDYQAAGINVGVAPLPKIDGKDAQTFIGVKGWYLSAYSKYPKYATELMQFLTSKEALASRFKETGEIP
PQKELLNDPMIKNNPVVNGFAKQASKGVPMPSIPEMGVVWEPINNAHTFVAQGKQTPEQALNDAVKIMKEKIQTMKQ
;
_entity_poly.pdbx_strand_id   A
#
loop_
_chem_comp.id
_chem_comp.type
_chem_comp.name
_chem_comp.formula
GLC D-saccharide, alpha linking alpha-D-glucopyranose 'C6 H12 O6'
#
# COMPACT_ATOMS: atom_id res chain seq x y z
N LYS A 13 -30.57 -26.67 5.23
CA LYS A 13 -29.11 -26.41 5.45
C LYS A 13 -28.25 -27.27 4.53
N SER A 14 -27.27 -26.64 3.89
CA SER A 14 -26.38 -27.36 2.97
C SER A 14 -24.94 -27.45 3.50
N GLU A 15 -24.37 -26.32 3.92
CA GLU A 15 -23.00 -26.33 4.43
C GLU A 15 -22.93 -26.90 5.84
N GLY A 16 -22.28 -28.06 5.95
CA GLY A 16 -22.06 -28.71 7.24
C GLY A 16 -21.09 -27.91 8.08
N LYS A 17 -21.27 -27.98 9.40
CA LYS A 17 -20.39 -27.25 10.32
C LYS A 17 -18.99 -27.86 10.28
N PRO A 18 -17.97 -27.03 9.98
CA PRO A 18 -16.61 -27.54 9.95
C PRO A 18 -16.10 -27.85 11.34
N ASP A 19 -15.30 -28.91 11.48
CA ASP A 19 -14.65 -29.20 12.74
C ASP A 19 -13.58 -28.16 13.00
N LYS A 20 -12.98 -27.67 11.91
CA LYS A 20 -11.90 -26.69 11.98
C LYS A 20 -11.84 -25.82 10.74
N LEU A 21 -11.38 -24.59 10.94
CA LEU A 21 -11.04 -23.70 9.84
C LEU A 21 -9.56 -23.37 9.98
N VAL A 22 -8.90 -23.16 8.86
CA VAL A 22 -7.46 -22.88 8.86
C VAL A 22 -7.21 -21.46 8.36
N VAL A 23 -6.34 -20.75 9.07
CA VAL A 23 -5.99 -19.37 8.75
C VAL A 23 -4.47 -19.27 8.65
N TRP A 24 -3.97 -18.67 7.56
CA TRP A 24 -2.54 -18.38 7.45
C TRP A 24 -2.28 -16.92 7.78
N GLU A 25 -1.34 -16.67 8.68
CA GLU A 25 -1.00 -15.32 9.10
C GLU A 25 0.52 -15.10 9.09
N ASN A 26 0.91 -13.84 8.87
CA ASN A 26 2.31 -13.42 8.79
C ASN A 26 3.25 -14.12 9.77
N ALA A 27 4.32 -14.70 9.25
CA ALA A 27 5.26 -15.48 10.05
C ALA A 27 6.38 -14.64 10.65
N ASP A 28 6.70 -13.52 10.02
CA ASP A 28 7.84 -12.68 10.44
C ASP A 28 7.50 -11.67 11.53
N ASP A 29 6.23 -11.30 11.62
CA ASP A 29 5.78 -10.34 12.62
C ASP A 29 5.03 -11.06 13.73
N GLY A 30 5.62 -11.03 14.93
CA GLY A 30 5.05 -11.69 16.10
C GLY A 30 3.70 -11.15 16.54
N VAL A 31 3.58 -9.84 16.61
CA VAL A 31 2.33 -9.20 17.09
C VAL A 31 1.15 -9.37 16.13
N GLN A 32 1.43 -9.38 14.82
CA GLN A 32 0.39 -9.62 13.81
C GLN A 32 -0.15 -11.05 13.95
N LEU A 33 0.76 -11.99 14.16
CA LEU A 33 0.40 -13.41 14.31
C LEU A 33 -0.41 -13.64 15.59
N ASN A 34 0.07 -13.11 16.70
CA ASN A 34 -0.59 -13.30 17.99
C ASN A 34 -1.95 -12.60 18.08
N ASN A 35 -2.11 -11.46 17.41
CA ASN A 35 -3.41 -10.80 17.35
C ASN A 35 -4.46 -11.67 16.64
N THR A 36 -4.05 -12.25 15.52
CA THR A 36 -4.92 -13.18 14.79
C THR A 36 -5.22 -14.42 15.62
N LYS A 37 -4.20 -14.91 16.34
CA LYS A 37 -4.40 -16.03 17.26
C LYS A 37 -5.41 -15.70 18.34
N LYS A 38 -5.38 -14.46 18.84
CA LYS A 38 -6.33 -14.01 19.86
C LYS A 38 -7.77 -14.06 19.35
N TRP A 39 -8.00 -13.45 18.19
CA TRP A 39 -9.37 -13.35 17.67
C TRP A 39 -9.89 -14.65 17.07
N ALA A 40 -8.99 -15.45 16.49
CA ALA A 40 -9.33 -16.82 16.12
C ALA A 40 -9.77 -17.58 17.36
N GLY A 41 -9.04 -17.39 18.46
CA GLY A 41 -9.37 -18.00 19.74
C GLY A 41 -10.77 -17.63 20.24
N GLU A 42 -11.12 -16.34 20.11
CA GLU A 42 -12.44 -15.85 20.48
C GLU A 42 -13.55 -16.45 19.60
N PHE A 43 -13.27 -16.62 18.31
CA PHE A 43 -14.21 -17.27 17.41
C PHE A 43 -14.47 -18.72 17.84
N THR A 44 -13.39 -19.42 18.18
CA THR A 44 -13.48 -20.81 18.66
C THR A 44 -14.30 -20.89 19.96
N LYS A 45 -14.04 -19.94 20.86
CA LYS A 45 -14.76 -19.85 22.13
C LYS A 45 -16.26 -19.66 21.89
N LYS A 46 -16.59 -18.85 20.89
CA LYS A 46 -17.98 -18.51 20.57
C LYS A 46 -18.72 -19.66 19.87
N THR A 47 -18.01 -20.36 18.97
CA THR A 47 -18.66 -21.28 18.03
C THR A 47 -18.39 -22.76 18.27
N GLY A 48 -17.29 -23.05 18.97
CA GLY A 48 -16.84 -24.44 19.14
C GLY A 48 -16.11 -25.00 17.93
N ILE A 49 -15.84 -24.15 16.95
CA ILE A 49 -15.09 -24.53 15.74
C ILE A 49 -13.61 -24.25 15.98
N GLN A 50 -12.77 -25.27 15.83
CA GLN A 50 -11.33 -25.08 15.93
C GLN A 50 -10.86 -24.11 14.84
N VAL A 51 -10.02 -23.15 15.20
CA VAL A 51 -9.37 -22.31 14.19
C VAL A 51 -7.86 -22.43 14.35
N GLU A 52 -7.23 -23.08 13.39
CA GLU A 52 -5.79 -23.24 13.38
C GLU A 52 -5.14 -22.08 12.64
N VAL A 53 -4.29 -21.34 13.35
CA VAL A 53 -3.53 -20.25 12.77
C VAL A 53 -2.11 -20.73 12.50
N VAL A 54 -1.75 -20.76 11.22
CA VAL A 54 -0.46 -21.27 10.77
C VAL A 54 0.41 -20.09 10.32
N PRO A 55 1.66 -20.02 10.82
CA PRO A 55 2.57 -18.96 10.39
C PRO A 55 3.06 -19.15 8.95
N VAL A 56 2.67 -18.23 8.07
CA VAL A 56 3.16 -18.18 6.69
C VAL A 56 3.36 -16.73 6.28
N ALA A 57 4.57 -16.43 5.80
CA ALA A 57 4.92 -15.07 5.39
C ALA A 57 3.95 -14.56 4.33
N LEU A 58 3.54 -13.31 4.46
CA LEU A 58 2.57 -12.70 3.55
C LEU A 58 2.88 -12.96 2.07
N LEU A 59 4.11 -12.67 1.67
CA LEU A 59 4.50 -12.79 0.26
C LEU A 59 4.84 -14.21 -0.18
N LYS A 60 4.65 -15.18 0.72
CA LYS A 60 4.82 -16.59 0.40
C LYS A 60 3.49 -17.33 0.33
N GLN A 61 2.42 -16.70 0.80
CA GLN A 61 1.12 -17.36 0.92
C GLN A 61 0.49 -17.73 -0.42
N GLN A 62 0.62 -16.85 -1.42
CA GLN A 62 0.05 -17.10 -2.73
C GLN A 62 0.68 -18.34 -3.37
N GLU A 63 2.00 -18.42 -3.32
CA GLU A 63 2.74 -19.58 -3.83
C GLU A 63 2.41 -20.86 -3.05
N LYS A 64 2.32 -20.75 -1.73
CA LYS A 64 2.01 -21.91 -0.88
C LYS A 64 0.60 -22.43 -1.12
N LEU A 65 -0.36 -21.53 -1.32
CA LEU A 65 -1.74 -21.93 -1.58
C LEU A 65 -1.88 -22.60 -2.95
N THR A 66 -1.09 -22.15 -3.92
CA THR A 66 -1.05 -22.74 -5.25
C THR A 66 -0.68 -24.23 -5.19
N LEU A 67 0.17 -24.58 -4.22
CA LEU A 67 0.57 -25.97 -3.99
C LEU A 67 -0.39 -26.68 -3.03
N ASP A 68 -0.63 -26.09 -1.87
CA ASP A 68 -1.38 -26.74 -0.79
C ASP A 68 -2.89 -26.80 -1.03
N GLY A 69 -3.42 -25.78 -1.69
CA GLY A 69 -4.85 -25.71 -1.99
C GLY A 69 -5.37 -26.93 -2.74
N PRO A 70 -4.83 -27.18 -3.95
CA PRO A 70 -5.17 -28.39 -4.71
C PRO A 70 -4.90 -29.70 -3.97
N ALA A 71 -3.90 -29.70 -3.09
CA ALA A 71 -3.54 -30.87 -2.29
C ALA A 71 -4.51 -31.14 -1.14
N GLY A 72 -5.40 -30.18 -0.87
CA GLY A 72 -6.39 -30.30 0.20
C GLY A 72 -5.87 -29.87 1.56
N LYS A 73 -4.67 -29.30 1.57
CA LYS A 73 -3.98 -28.90 2.80
C LYS A 73 -3.91 -27.37 2.96
N GLY A 74 -4.65 -26.66 2.10
CA GLY A 74 -4.62 -25.21 2.11
C GLY A 74 -5.45 -24.59 3.20
N ALA A 75 -5.16 -23.32 3.50
CA ALA A 75 -5.94 -22.54 4.46
C ALA A 75 -7.30 -22.17 3.89
N ASP A 76 -8.26 -21.93 4.77
CA ASP A 76 -9.55 -21.38 4.36
C ASP A 76 -9.42 -19.88 4.13
N LEU A 77 -8.73 -19.21 5.06
CA LEU A 77 -8.48 -17.78 4.94
C LEU A 77 -6.99 -17.50 4.78
N VAL A 78 -6.67 -16.65 3.82
CA VAL A 78 -5.30 -16.25 3.52
C VAL A 78 -5.20 -14.73 3.47
N THR A 79 -3.98 -14.21 3.43
CA THR A 79 -3.76 -12.77 3.45
C THR A 79 -2.47 -12.36 2.75
N TRP A 80 -2.57 -11.28 1.96
CA TRP A 80 -1.42 -10.63 1.32
C TRP A 80 -1.81 -9.24 0.82
N PRO A 81 -0.81 -8.36 0.55
CA PRO A 81 -1.11 -7.06 -0.05
C PRO A 81 -1.94 -7.17 -1.32
N HIS A 82 -2.91 -6.27 -1.48
CA HIS A 82 -3.94 -6.38 -2.53
C HIS A 82 -3.42 -6.25 -3.96
N ASP A 83 -2.22 -5.71 -4.14
CA ASP A 83 -1.70 -5.44 -5.49
C ASP A 83 -1.49 -6.71 -6.33
N ARG A 84 -1.47 -7.86 -5.66
CA ARG A 84 -1.31 -9.15 -6.35
C ARG A 84 -2.62 -9.94 -6.40
N LEU A 85 -3.74 -9.27 -6.13
CA LEU A 85 -5.07 -9.89 -6.17
C LEU A 85 -5.43 -10.41 -7.55
N GLY A 86 -5.11 -9.62 -8.58
CA GLY A 86 -5.41 -9.99 -9.97
C GLY A 86 -4.83 -11.32 -10.38
N GLU A 87 -3.55 -11.53 -10.06
CA GLU A 87 -2.87 -12.80 -10.31
C GLU A 87 -3.59 -13.95 -9.63
N ALA A 88 -4.00 -13.75 -8.38
CA ALA A 88 -4.67 -14.78 -7.59
C ALA A 88 -6.06 -15.13 -8.14
N VAL A 89 -6.82 -14.10 -8.54
CA VAL A 89 -8.18 -14.29 -9.03
C VAL A 89 -8.19 -15.00 -10.40
N THR A 90 -7.36 -14.53 -11.32
CA THR A 90 -7.30 -15.08 -12.68
C THR A 90 -6.81 -16.53 -12.70
N LYS A 91 -5.96 -16.90 -11.74
CA LYS A 91 -5.42 -18.26 -11.62
C LYS A 91 -6.33 -19.17 -10.80
N GLY A 92 -7.42 -18.61 -10.28
CA GLY A 92 -8.44 -19.38 -9.56
C GLY A 92 -8.03 -19.82 -8.17
N LEU A 93 -7.17 -19.02 -7.53
CA LEU A 93 -6.74 -19.28 -6.16
C LEU A 93 -7.79 -18.86 -5.14
N LEU A 94 -8.56 -17.84 -5.48
CA LEU A 94 -9.53 -17.25 -4.56
C LEU A 94 -10.93 -17.33 -5.12
N GLN A 95 -11.91 -17.41 -4.23
CA GLN A 95 -13.31 -17.31 -4.60
C GLN A 95 -13.92 -16.06 -3.96
N PRO A 96 -14.96 -15.49 -4.59
CA PRO A 96 -15.55 -14.27 -4.02
C PRO A 96 -16.17 -14.52 -2.65
N ILE A 97 -16.25 -13.48 -1.83
CA ILE A 97 -17.05 -13.56 -0.61
C ILE A 97 -18.43 -12.98 -0.87
N GLN A 98 -19.42 -13.52 -0.16
CA GLN A 98 -20.78 -13.05 -0.29
C GLN A 98 -21.22 -12.43 1.04
N VAL A 99 -21.14 -11.11 1.08
CA VAL A 99 -21.60 -10.33 2.24
C VAL A 99 -22.50 -9.20 1.75
N ASP A 100 -23.39 -8.74 2.63
CA ASP A 100 -24.31 -7.65 2.29
C ASP A 100 -23.56 -6.33 2.18
N ASN A 101 -24.18 -5.37 1.50
CA ASN A 101 -23.61 -4.03 1.37
C ASN A 101 -23.35 -3.37 2.73
N SER A 102 -24.19 -3.70 3.71
CA SER A 102 -24.04 -3.19 5.08
C SER A 102 -22.71 -3.62 5.69
N VAL A 103 -22.25 -4.81 5.33
CA VAL A 103 -20.95 -5.32 5.78
C VAL A 103 -19.80 -4.55 5.10
N LYS A 104 -19.91 -4.36 3.79
CA LYS A 104 -18.94 -3.56 3.04
C LYS A 104 -18.84 -2.15 3.64
N ASN A 105 -20.00 -1.59 3.98
CA ASN A 105 -20.07 -0.22 4.50
C ASN A 105 -19.50 -0.03 5.91
N GLN A 106 -19.07 -1.12 6.54
CA GLN A 106 -18.32 -1.03 7.79
C GLN A 106 -16.94 -0.43 7.51
N PHE A 107 -16.51 -0.53 6.26
CA PHE A 107 -15.14 -0.22 5.88
C PHE A 107 -15.04 0.96 4.92
N ASP A 108 -13.87 1.60 4.94
CA ASP A 108 -13.53 2.69 4.03
C ASP A 108 -13.83 2.31 2.58
N ASP A 109 -14.53 3.19 1.86
CA ASP A 109 -14.97 2.92 0.50
C ASP A 109 -13.82 2.61 -0.47
N VAL A 110 -12.73 3.35 -0.32
CA VAL A 110 -11.56 3.18 -1.20
C VAL A 110 -10.81 1.89 -0.88
N ALA A 111 -10.74 1.52 0.40
CA ALA A 111 -10.14 0.26 0.81
C ALA A 111 -10.91 -0.94 0.25
N MET A 112 -12.24 -0.81 0.19
CA MET A 112 -13.07 -1.88 -0.34
C MET A 112 -12.90 -2.04 -1.85
N LYS A 113 -12.66 -0.92 -2.55
CA LYS A 113 -12.38 -0.97 -3.98
C LYS A 113 -11.11 -1.77 -4.27
N ALA A 114 -10.12 -1.65 -3.37
CA ALA A 114 -8.87 -2.39 -3.50
C ALA A 114 -9.06 -3.91 -3.44
N LEU A 115 -10.14 -4.34 -2.78
CA LEU A 115 -10.40 -5.78 -2.62
C LEU A 115 -11.47 -6.30 -3.57
N THR A 116 -11.89 -5.44 -4.50
CA THR A 116 -12.85 -5.79 -5.54
C THR A 116 -12.10 -6.04 -6.83
N TYR A 117 -12.53 -7.05 -7.58
CA TYR A 117 -11.89 -7.41 -8.85
C TYR A 117 -12.91 -8.02 -9.80
N GLY A 118 -12.98 -7.48 -11.01
CA GLY A 118 -13.90 -7.96 -12.04
C GLY A 118 -15.36 -7.98 -11.60
N GLY A 119 -15.76 -6.98 -10.82
CA GLY A 119 -17.13 -6.84 -10.34
C GLY A 119 -17.53 -7.78 -9.22
N LYS A 120 -16.52 -8.33 -8.53
CA LYS A 120 -16.74 -9.24 -7.40
C LYS A 120 -15.83 -8.88 -6.23
N LEU A 121 -16.33 -9.12 -5.01
CA LEU A 121 -15.58 -8.82 -3.80
C LEU A 121 -14.82 -10.05 -3.31
N TYR A 122 -13.54 -9.88 -3.00
CA TYR A 122 -12.68 -11.00 -2.61
C TYR A 122 -12.20 -11.01 -1.16
N GLY A 123 -12.53 -9.98 -0.41
CA GLY A 123 -12.13 -9.96 0.99
C GLY A 123 -12.57 -8.77 1.80
N LEU A 124 -12.21 -8.81 3.08
CA LEU A 124 -12.45 -7.72 4.01
C LEU A 124 -11.11 -7.23 4.53
N PRO A 125 -10.97 -5.90 4.71
CA PRO A 125 -9.65 -5.34 5.00
C PRO A 125 -9.23 -5.36 6.47
N LYS A 126 -7.92 -5.46 6.68
CA LYS A 126 -7.32 -5.46 8.00
C LYS A 126 -6.49 -4.20 8.21
N ALA A 127 -5.82 -3.76 7.15
CA ALA A 127 -4.84 -2.67 7.24
C ALA A 127 -4.78 -1.85 5.96
N ILE A 128 -4.47 -0.56 6.13
CA ILE A 128 -4.23 0.34 5.00
C ILE A 128 -2.92 1.09 5.25
N GLU A 129 -2.18 1.32 4.16
CA GLU A 129 -0.93 2.08 4.24
C GLU A 129 -0.82 3.08 3.09
N SER A 130 -0.15 4.20 3.37
CA SER A 130 0.17 5.22 2.38
C SER A 130 1.43 5.94 2.82
N VAL A 131 2.18 6.48 1.86
CA VAL A 131 3.23 7.43 2.22
C VAL A 131 2.60 8.72 2.74
N ALA A 132 3.38 9.49 3.49
CA ALA A 132 2.97 10.81 3.95
C ALA A 132 4.23 11.59 4.24
N LEU A 133 4.08 12.81 4.74
CA LEU A 133 5.25 13.62 5.10
C LEU A 133 5.66 13.29 6.53
N ILE A 134 6.76 12.56 6.66
CA ILE A 134 7.32 12.21 7.97
C ILE A 134 8.41 13.22 8.27
N TYR A 135 8.34 13.87 9.42
CA TYR A 135 9.29 14.93 9.74
C TYR A 135 9.91 14.83 11.13
N ASN A 136 11.10 15.42 11.25
CA ASN A 136 11.83 15.49 12.50
C ASN A 136 11.40 16.74 13.24
N LYS A 137 10.72 16.55 14.39
CA LYS A 137 10.14 17.67 15.15
C LYS A 137 11.17 18.67 15.69
N LYS A 138 12.43 18.26 15.73
CA LYS A 138 13.52 19.16 16.14
C LYS A 138 13.98 20.06 15.00
N LEU A 139 13.53 19.75 13.78
CA LEU A 139 13.97 20.47 12.57
C LEU A 139 12.85 21.17 11.82
N MET A 140 11.62 20.70 11.99
CA MET A 140 10.47 21.27 11.30
C MET A 140 9.29 21.45 12.26
N GLY A 141 8.65 22.61 12.17
CA GLY A 141 7.49 22.93 12.98
C GLY A 141 6.21 22.81 12.18
N GLN A 142 5.74 23.94 11.66
CA GLN A 142 4.61 23.93 10.74
C GLN A 142 5.09 23.38 9.40
N VAL A 143 4.44 22.31 8.94
CA VAL A 143 4.75 21.73 7.63
C VAL A 143 4.35 22.69 6.51
N PRO A 144 5.07 22.65 5.37
CA PRO A 144 4.68 23.49 4.23
C PRO A 144 3.23 23.27 3.81
N ALA A 145 2.54 24.37 3.53
CA ALA A 145 1.10 24.34 3.23
C ALA A 145 0.78 23.90 1.80
N THR A 146 1.75 24.07 0.91
CA THR A 146 1.59 23.73 -0.50
C THR A 146 2.81 23.00 -1.01
N TYR A 147 2.66 22.31 -2.14
CA TYR A 147 3.79 21.66 -2.79
C TYR A 147 4.87 22.66 -3.17
N ASP A 148 4.47 23.83 -3.67
CA ASP A 148 5.40 24.90 -4.04
C ASP A 148 6.31 25.26 -2.87
N GLU A 149 5.70 25.40 -1.69
CA GLU A 149 6.43 25.75 -0.47
C GLU A 149 7.36 24.62 -0.02
N LEU A 150 6.90 23.38 -0.17
CA LEU A 150 7.71 22.20 0.13
C LEU A 150 8.94 22.14 -0.77
N PHE A 151 8.74 22.39 -2.07
CA PHE A 151 9.85 22.33 -3.02
C PHE A 151 10.86 23.45 -2.80
N GLN A 152 10.35 24.65 -2.49
CA GLN A 152 11.20 25.78 -2.14
C GLN A 152 12.06 25.45 -0.92
N TYR A 153 11.43 24.85 0.09
CA TYR A 153 12.11 24.39 1.30
C TYR A 153 13.25 23.41 0.96
N ALA A 154 12.99 22.50 0.01
CA ALA A 154 14.02 21.55 -0.43
C ALA A 154 15.16 22.26 -1.17
N LYS A 155 14.81 23.18 -2.08
CA LYS A 155 15.82 23.94 -2.82
C LYS A 155 16.73 24.76 -1.90
N ALA A 156 16.12 25.35 -0.86
CA ALA A 156 16.86 26.20 0.08
C ALA A 156 17.73 25.39 1.04
N ASN A 157 17.24 24.22 1.46
CA ASN A 157 17.84 23.48 2.57
C ASN A 157 18.63 22.21 2.22
N ASN A 158 18.50 21.72 0.99
CA ASN A 158 19.19 20.50 0.59
C ASN A 158 20.68 20.73 0.30
N LYS A 159 21.52 20.10 1.12
CA LYS A 159 22.98 20.25 1.03
C LYS A 159 23.64 18.86 0.97
N PRO A 160 23.72 18.27 -0.24
CA PRO A 160 24.28 16.93 -0.42
C PRO A 160 25.72 16.76 0.07
N ASP A 161 26.52 17.83 -0.01
CA ASP A 161 27.92 17.80 0.41
C ASP A 161 28.10 17.59 1.91
N GLU A 162 27.08 17.96 2.69
CA GLU A 162 27.13 17.85 4.14
C GLU A 162 26.16 16.79 4.67
N GLN A 163 25.53 16.07 3.73
CA GLN A 163 24.55 15.02 4.04
C GLN A 163 23.39 15.57 4.87
N LYS A 164 23.01 16.81 4.60
CA LYS A 164 21.91 17.47 5.29
C LYS A 164 20.83 17.85 4.26
N TYR A 165 19.57 17.59 4.60
CA TYR A 165 18.47 17.82 3.68
C TYR A 165 17.26 18.46 4.36
N GLY A 166 16.56 19.31 3.62
CA GLY A 166 15.24 19.79 4.02
C GLY A 166 14.19 18.74 3.70
N VAL A 167 14.21 18.25 2.46
CA VAL A 167 13.30 17.18 2.03
C VAL A 167 14.08 16.16 1.22
N LEU A 168 13.96 14.89 1.62
CA LEU A 168 14.64 13.79 0.96
C LEU A 168 13.68 12.61 0.86
N PHE A 169 13.58 12.03 -0.34
CA PHE A 169 12.76 10.83 -0.52
C PHE A 169 13.21 10.04 -1.75
N GLU A 170 12.61 8.87 -1.95
CA GLU A 170 12.91 8.01 -3.08
C GLU A 170 12.30 8.55 -4.37
N ALA A 171 12.84 9.66 -4.85
CA ALA A 171 12.32 10.36 -6.01
C ALA A 171 12.61 9.65 -7.34
N ASN A 172 13.32 8.52 -7.27
CA ASN A 172 13.58 7.68 -8.43
C ASN A 172 12.73 6.41 -8.42
N ASN A 173 11.70 6.41 -7.59
CA ASN A 173 10.82 5.26 -7.41
C ASN A 173 9.37 5.70 -7.61
N PHE A 174 8.73 5.15 -8.63
CA PHE A 174 7.36 5.52 -9.02
C PHE A 174 6.33 5.33 -7.91
N TYR A 175 6.56 4.35 -7.03
CA TYR A 175 5.67 4.16 -5.89
C TYR A 175 5.57 5.46 -5.07
N TYR A 176 6.71 6.14 -4.91
CA TYR A 176 6.79 7.34 -4.08
C TYR A 176 6.40 8.59 -4.85
N THR A 177 6.75 8.64 -6.14
CA THR A 177 6.53 9.83 -6.96
C THR A 177 5.14 9.85 -7.60
N TYR A 178 4.34 8.80 -7.38
CA TYR A 178 3.01 8.73 -7.97
C TYR A 178 2.20 10.01 -7.81
N PHE A 179 2.25 10.62 -6.62
CA PHE A 179 1.47 11.83 -6.35
C PHE A 179 1.77 12.95 -7.34
N LEU A 180 3.02 13.02 -7.81
CA LEU A 180 3.42 14.02 -8.80
C LEU A 180 2.77 13.77 -10.15
N PHE A 181 2.64 12.50 -10.52
CA PHE A 181 1.97 12.11 -11.76
C PHE A 181 0.45 12.30 -11.66
N ALA A 182 -0.12 11.86 -10.54
CA ALA A 182 -1.56 12.01 -10.30
C ALA A 182 -1.99 13.47 -10.29
N ALA A 183 -1.13 14.34 -9.75
CA ALA A 183 -1.38 15.79 -9.70
C ALA A 183 -1.60 16.38 -11.09
N LYS A 184 -0.92 15.81 -12.09
CA LYS A 184 -1.01 16.30 -13.46
C LYS A 184 -2.14 15.64 -14.24
N GLY A 185 -2.79 14.65 -13.63
CA GLY A 185 -3.88 13.92 -14.26
C GLY A 185 -3.46 12.63 -14.95
N ALA A 186 -2.23 12.20 -14.71
CA ALA A 186 -1.68 10.99 -15.32
C ALA A 186 -2.18 9.73 -14.61
N ALA A 187 -2.44 8.68 -15.40
CA ALA A 187 -2.86 7.38 -14.88
C ALA A 187 -1.90 6.30 -15.36
N VAL A 188 -1.83 5.19 -14.61
CA VAL A 188 -1.05 4.04 -15.05
C VAL A 188 -1.79 3.31 -16.18
N PHE A 189 -3.00 2.83 -15.87
CA PHE A 189 -3.89 2.23 -16.85
C PHE A 189 -5.19 3.01 -16.90
N LYS A 190 -5.79 3.12 -18.08
CA LYS A 190 -7.09 3.77 -18.21
C LYS A 190 -8.16 2.95 -17.48
N GLU A 191 -8.87 3.62 -16.58
CA GLU A 191 -9.91 2.97 -15.78
C GLU A 191 -11.29 3.25 -16.36
N GLN A 192 -12.09 2.20 -16.46
CA GLN A 192 -13.48 2.31 -16.90
C GLN A 192 -14.37 1.39 -16.06
N ASP A 193 -15.14 2.01 -15.16
CA ASP A 193 -16.11 1.32 -14.31
C ASP A 193 -15.53 0.12 -13.56
N GLY A 194 -14.38 0.34 -12.92
CA GLY A 194 -13.73 -0.68 -12.12
C GLY A 194 -12.68 -1.50 -12.87
N THR A 195 -12.85 -1.59 -14.19
CA THR A 195 -11.94 -2.39 -15.03
C THR A 195 -10.82 -1.54 -15.62
N LEU A 196 -9.60 -2.01 -15.47
CA LEU A 196 -8.42 -1.38 -16.06
C LEU A 196 -8.09 -2.00 -17.40
N ASP A 197 -7.74 -1.16 -18.37
CA ASP A 197 -7.32 -1.64 -19.67
C ASP A 197 -5.80 -1.74 -19.70
N PRO A 198 -5.26 -2.97 -19.74
CA PRO A 198 -3.82 -3.17 -19.77
C PRO A 198 -3.17 -2.66 -21.06
N ASN A 199 -3.99 -2.46 -22.09
CA ASN A 199 -3.52 -1.95 -23.38
C ASN A 199 -3.47 -0.43 -23.47
N GLU A 200 -4.23 0.26 -22.61
CA GLU A 200 -4.19 1.72 -22.56
C GLU A 200 -3.36 2.20 -21.38
N ILE A 201 -2.04 2.22 -21.57
CA ILE A 201 -1.10 2.71 -20.57
C ILE A 201 -1.00 4.23 -20.71
N GLY A 202 -1.11 4.93 -19.58
CA GLY A 202 -1.11 6.39 -19.60
C GLY A 202 0.21 7.04 -19.22
N LEU A 203 1.27 6.23 -19.12
CA LEU A 203 2.53 6.72 -18.58
C LEU A 203 3.45 7.44 -19.58
N ASN A 204 3.01 7.57 -20.83
CA ASN A 204 3.70 8.46 -21.77
C ASN A 204 2.78 9.54 -22.37
N SER A 205 1.71 9.84 -21.64
CA SER A 205 0.80 10.91 -21.97
C SER A 205 1.45 12.27 -21.68
N PRO A 206 0.91 13.36 -22.26
CA PRO A 206 1.44 14.69 -21.91
C PRO A 206 1.39 14.95 -20.39
N GLU A 207 0.32 14.46 -19.76
CA GLU A 207 0.18 14.54 -18.31
C GLU A 207 1.34 13.85 -17.59
N ALA A 208 1.71 12.67 -18.07
CA ALA A 208 2.81 11.90 -17.49
C ALA A 208 4.14 12.62 -17.63
N VAL A 209 4.34 13.26 -18.78
CA VAL A 209 5.56 14.04 -19.03
C VAL A 209 5.65 15.18 -18.01
N GLN A 210 4.53 15.85 -17.75
CA GLN A 210 4.49 16.92 -16.74
C GLN A 210 4.84 16.39 -15.36
N GLY A 211 4.40 15.18 -15.05
CA GLY A 211 4.74 14.52 -13.78
C GLY A 211 6.22 14.23 -13.69
N MET A 212 6.80 13.68 -14.75
CA MET A 212 8.24 13.37 -14.79
C MET A 212 9.10 14.64 -14.79
N ASN A 213 8.54 15.75 -15.29
CA ASN A 213 9.21 17.04 -15.22
C ASN A 213 9.41 17.48 -13.76
N GLU A 214 8.44 17.15 -12.91
CA GLU A 214 8.54 17.43 -11.48
C GLU A 214 9.61 16.54 -10.85
N VAL A 215 9.60 15.26 -11.20
CA VAL A 215 10.62 14.30 -10.76
C VAL A 215 12.02 14.82 -11.09
N GLN A 216 12.21 15.25 -12.33
CA GLN A 216 13.48 15.81 -12.80
C GLN A 216 13.96 16.97 -11.92
N LYS A 217 13.04 17.85 -11.53
CA LYS A 217 13.36 19.01 -10.71
C LYS A 217 13.97 18.64 -9.36
N TRP A 218 13.58 17.48 -8.82
CA TRP A 218 14.14 17.01 -7.55
C TRP A 218 15.63 16.71 -7.64
N PHE A 219 16.10 16.42 -8.85
CA PHE A 219 17.51 16.12 -9.07
C PHE A 219 18.28 17.32 -9.62
N THR A 220 17.64 18.11 -10.48
CA THR A 220 18.27 19.28 -11.10
C THR A 220 18.25 20.53 -10.24
N GLU A 221 17.22 20.67 -9.40
CA GLU A 221 17.06 21.86 -8.55
C GLU A 221 17.18 21.56 -7.05
N ALA A 222 16.63 20.43 -6.62
CA ALA A 222 16.63 20.07 -5.20
C ALA A 222 17.82 19.18 -4.81
N ARG A 223 18.70 18.95 -5.78
CA ARG A 223 20.01 18.33 -5.56
C ARG A 223 20.00 16.95 -4.85
N LEU A 224 18.96 16.16 -5.10
CA LEU A 224 18.89 14.81 -4.54
C LEU A 224 19.96 13.90 -5.16
N PRO A 225 20.52 12.96 -4.37
CA PRO A 225 21.50 12.01 -4.89
C PRO A 225 20.92 11.21 -6.05
N GLN A 226 21.61 11.21 -7.18
CA GLN A 226 21.04 10.68 -8.43
C GLN A 226 20.95 9.16 -8.54
N SER A 227 21.47 8.46 -7.53
CA SER A 227 21.36 6.99 -7.46
C SER A 227 20.91 6.52 -6.07
N LEU A 228 20.03 7.30 -5.45
CA LEU A 228 19.58 7.02 -4.09
C LEU A 228 18.73 5.76 -3.97
N LYS A 229 18.72 5.18 -2.77
CA LYS A 229 17.88 4.02 -2.46
C LYS A 229 17.16 4.26 -1.13
N ALA A 230 16.32 3.31 -0.72
CA ALA A 230 15.59 3.40 0.54
C ALA A 230 16.51 3.67 1.73
N ASP A 231 17.66 3.00 1.76
CA ASP A 231 18.59 3.14 2.87
C ASP A 231 19.24 4.52 2.95
N THR A 232 19.42 5.17 1.80
CA THR A 232 19.93 6.54 1.75
C THR A 232 18.98 7.46 2.51
N VAL A 233 17.69 7.34 2.19
CA VAL A 233 16.65 8.16 2.81
C VAL A 233 16.52 7.85 4.30
N ASN A 234 16.41 6.57 4.64
CA ASN A 234 16.24 6.15 6.02
C ASN A 234 17.47 6.44 6.89
N GLY A 235 18.65 6.10 6.38
CA GLY A 235 19.90 6.34 7.09
C GLY A 235 20.10 7.80 7.44
N LEU A 236 19.90 8.68 6.46
CA LEU A 236 20.07 10.11 6.66
C LEU A 236 19.03 10.73 7.57
N PHE A 237 17.78 10.26 7.49
CA PHE A 237 16.75 10.74 8.41
C PHE A 237 17.07 10.32 9.85
N LYS A 238 17.51 9.08 10.03
CA LYS A 238 17.89 8.57 11.35
C LYS A 238 19.12 9.29 11.93
N SER A 239 19.92 9.89 11.04
CA SER A 239 21.10 10.65 11.42
C SER A 239 20.77 11.99 12.08
N GLY A 240 19.50 12.40 11.98
CA GLY A 240 19.03 13.66 12.56
C GLY A 240 19.34 14.89 11.72
N LYS A 241 19.72 14.68 10.46
CA LYS A 241 20.08 15.79 9.58
C LYS A 241 19.12 15.96 8.39
N VAL A 242 17.93 15.37 8.50
CA VAL A 242 16.91 15.51 7.46
C VAL A 242 15.60 15.97 8.11
N ALA A 243 15.10 17.13 7.69
CA ALA A 243 13.89 17.69 8.27
C ALA A 243 12.64 16.89 7.95
N ALA A 244 12.50 16.48 6.69
CA ALA A 244 11.32 15.74 6.25
C ALA A 244 11.63 14.71 5.17
N VAL A 245 10.93 13.59 5.22
CA VAL A 245 10.96 12.59 4.16
C VAL A 245 9.54 12.29 3.71
N ILE A 246 9.41 11.72 2.51
CA ILE A 246 8.15 11.15 2.07
C ILE A 246 8.30 9.64 2.15
N ASN A 247 7.59 9.02 3.08
CA ASN A 247 7.72 7.59 3.31
C ASN A 247 6.49 7.05 4.04
N GLY A 248 6.40 5.73 4.16
CA GLY A 248 5.24 5.09 4.76
C GLY A 248 5.45 4.66 6.20
N PRO A 249 4.38 4.11 6.83
CA PRO A 249 4.37 3.71 8.23
C PRO A 249 5.39 2.63 8.58
N TRP A 250 5.85 1.89 7.57
CA TRP A 250 6.85 0.83 7.74
C TRP A 250 8.20 1.31 8.28
N ALA A 251 8.46 2.60 8.16
CA ALA A 251 9.74 3.18 8.58
C ALA A 251 9.70 3.81 9.98
N ILE A 252 8.49 3.93 10.54
CA ILE A 252 8.27 4.65 11.80
C ILE A 252 9.01 4.05 13.01
N LYS A 253 8.83 2.75 13.23
CA LYS A 253 9.44 2.07 14.37
C LYS A 253 10.97 2.19 14.33
N ASP A 254 11.53 2.10 13.13
CA ASP A 254 12.97 2.28 12.92
C ASP A 254 13.44 3.70 13.24
N TYR A 255 12.66 4.70 12.80
CA TYR A 255 12.99 6.10 13.07
C TYR A 255 12.96 6.42 14.56
N GLN A 256 11.96 5.89 15.25
CA GLN A 256 11.79 6.13 16.68
C GLN A 256 12.85 5.42 17.51
N ALA A 257 13.22 4.21 17.07
CA ALA A 257 14.31 3.47 17.71
C ALA A 257 15.64 4.23 17.63
N ALA A 258 15.79 5.01 16.55
CA ALA A 258 16.99 5.83 16.33
C ALA A 258 17.02 7.10 17.19
N GLY A 259 15.88 7.42 17.81
CA GLY A 259 15.78 8.57 18.71
C GLY A 259 15.17 9.83 18.11
N ILE A 260 14.59 9.69 16.92
CA ILE A 260 13.94 10.82 16.27
C ILE A 260 12.55 11.04 16.85
N ASN A 261 12.24 12.29 17.18
CA ASN A 261 10.89 12.68 17.57
C ASN A 261 10.12 12.95 16.29
N VAL A 262 9.26 11.99 15.94
CA VAL A 262 8.63 11.92 14.63
C VAL A 262 7.26 12.59 14.59
N GLY A 263 7.07 13.43 13.57
CA GLY A 263 5.74 13.95 13.24
C GLY A 263 5.33 13.39 11.88
N VAL A 264 4.02 13.30 11.65
CA VAL A 264 3.49 12.85 10.36
C VAL A 264 2.32 13.72 9.92
N ALA A 265 2.42 14.24 8.70
CA ALA A 265 1.35 15.06 8.12
C ALA A 265 1.03 14.58 6.71
N PRO A 266 -0.19 14.88 6.21
CA PRO A 266 -0.47 14.57 4.80
C PRO A 266 0.46 15.38 3.92
N LEU A 267 0.68 14.92 2.69
CA LEU A 267 1.46 15.68 1.73
C LEU A 267 0.77 17.02 1.46
N PRO A 268 1.56 18.09 1.31
CA PRO A 268 1.01 19.41 1.01
C PRO A 268 0.18 19.41 -0.26
N LYS A 269 -0.83 20.28 -0.32
CA LYS A 269 -1.68 20.36 -1.50
C LYS A 269 -0.86 20.70 -2.74
N ILE A 270 -1.16 20.02 -3.83
CA ILE A 270 -0.41 20.16 -5.08
C ILE A 270 -1.38 20.48 -6.22
N ASP A 271 -1.01 21.46 -7.02
CA ASP A 271 -1.84 21.96 -8.11
C ASP A 271 -3.28 22.26 -7.64
N GLY A 272 -3.38 22.83 -6.44
CA GLY A 272 -4.65 23.26 -5.88
C GLY A 272 -5.52 22.20 -5.22
N LYS A 273 -5.06 20.95 -5.24
CA LYS A 273 -5.84 19.83 -4.72
C LYS A 273 -5.08 18.99 -3.72
N ASP A 274 -5.81 18.12 -3.00
CA ASP A 274 -5.19 17.12 -2.14
C ASP A 274 -4.25 16.24 -2.95
N ALA A 275 -3.10 15.92 -2.38
CA ALA A 275 -2.17 14.98 -3.01
C ALA A 275 -2.79 13.58 -3.03
N GLN A 276 -2.59 12.89 -4.14
CA GLN A 276 -3.12 11.55 -4.33
C GLN A 276 -1.99 10.54 -4.33
N THR A 277 -1.93 9.73 -3.27
CA THR A 277 -0.91 8.71 -3.15
C THR A 277 -1.51 7.34 -3.46
N PHE A 278 -0.65 6.37 -3.69
CA PHE A 278 -1.08 4.97 -3.71
C PHE A 278 -1.46 4.56 -2.30
N ILE A 279 -2.49 3.73 -2.18
CA ILE A 279 -2.75 3.04 -0.92
C ILE A 279 -2.58 1.53 -1.13
N GLY A 280 -2.08 0.86 -0.10
CA GLY A 280 -1.97 -0.59 -0.09
C GLY A 280 -2.87 -1.14 0.99
N VAL A 281 -3.66 -2.15 0.63
CA VAL A 281 -4.60 -2.76 1.58
C VAL A 281 -4.23 -4.22 1.79
N LYS A 282 -4.12 -4.62 3.07
CA LYS A 282 -3.94 -6.02 3.43
C LYS A 282 -5.29 -6.53 3.93
N GLY A 283 -5.84 -7.53 3.24
CA GLY A 283 -7.12 -8.10 3.62
C GLY A 283 -7.07 -9.60 3.86
N TRP A 284 -8.18 -10.14 4.34
CA TRP A 284 -8.40 -11.57 4.41
C TRP A 284 -9.12 -12.01 3.14
N TYR A 285 -8.62 -13.07 2.51
CA TYR A 285 -9.24 -13.62 1.30
C TYR A 285 -9.68 -15.05 1.54
N LEU A 286 -10.59 -15.52 0.71
CA LEU A 286 -11.17 -16.86 0.83
C LEU A 286 -10.64 -17.77 -0.25
N SER A 287 -9.93 -18.82 0.17
CA SER A 287 -9.36 -19.78 -0.77
C SER A 287 -10.46 -20.44 -1.60
N ALA A 288 -10.20 -20.57 -2.90
CA ALA A 288 -11.12 -21.25 -3.82
C ALA A 288 -11.25 -22.74 -3.46
N TYR A 289 -10.30 -23.23 -2.67
CA TYR A 289 -10.25 -24.63 -2.28
C TYR A 289 -10.91 -24.90 -0.93
N SER A 290 -11.41 -23.85 -0.29
CA SER A 290 -12.12 -24.01 0.98
C SER A 290 -13.42 -24.78 0.77
N LYS A 291 -13.64 -25.76 1.63
CA LYS A 291 -14.86 -26.58 1.60
C LYS A 291 -15.96 -25.93 2.43
N TYR A 292 -15.62 -24.83 3.10
CA TYR A 292 -16.55 -24.14 4.00
C TYR A 292 -16.61 -22.63 3.76
N PRO A 293 -17.02 -22.22 2.55
CA PRO A 293 -17.04 -20.79 2.21
C PRO A 293 -17.93 -19.94 3.15
N LYS A 294 -19.10 -20.45 3.51
CA LYS A 294 -20.04 -19.69 4.35
C LYS A 294 -19.51 -19.51 5.77
N TYR A 295 -19.05 -20.59 6.38
CA TYR A 295 -18.48 -20.54 7.73
C TYR A 295 -17.17 -19.73 7.75
N ALA A 296 -16.33 -19.92 6.74
CA ALA A 296 -15.07 -19.18 6.65
C ALA A 296 -15.31 -17.68 6.50
N THR A 297 -16.38 -17.31 5.79
CA THR A 297 -16.75 -15.91 5.60
C THR A 297 -17.28 -15.30 6.91
N GLU A 298 -17.95 -16.12 7.71
CA GLU A 298 -18.35 -15.72 9.06
C GLU A 298 -17.13 -15.47 9.94
N LEU A 299 -16.13 -16.34 9.85
CA LEU A 299 -14.86 -16.13 10.55
C LEU A 299 -14.18 -14.84 10.07
N MET A 300 -14.17 -14.63 8.76
CA MET A 300 -13.56 -13.44 8.17
C MET A 300 -14.18 -12.16 8.73
N GLN A 301 -15.50 -12.15 8.87
CA GLN A 301 -16.21 -11.03 9.46
C GLN A 301 -15.86 -10.86 10.93
N PHE A 302 -15.76 -11.98 11.64
CA PHE A 302 -15.41 -11.96 13.06
C PHE A 302 -14.02 -11.34 13.27
N LEU A 303 -13.10 -11.64 12.36
CA LEU A 303 -11.72 -11.15 12.45
C LEU A 303 -11.57 -9.69 12.04
N THR A 304 -12.62 -9.13 11.43
CA THR A 304 -12.56 -7.75 10.91
C THR A 304 -13.62 -6.83 11.50
N SER A 305 -14.19 -7.24 12.64
CA SER A 305 -15.19 -6.43 13.33
C SER A 305 -14.55 -5.19 13.93
N LYS A 306 -15.39 -4.23 14.35
CA LYS A 306 -14.89 -3.04 15.02
C LYS A 306 -14.01 -3.40 16.23
N GLU A 307 -14.49 -4.33 17.05
CA GLU A 307 -13.75 -4.78 18.23
C GLU A 307 -12.41 -5.44 17.86
N ALA A 308 -12.43 -6.33 16.88
CA ALA A 308 -11.23 -7.05 16.47
C ALA A 308 -10.17 -6.13 15.87
N LEU A 309 -10.61 -5.18 15.05
CA LEU A 309 -9.67 -4.26 14.39
C LEU A 309 -9.15 -3.14 15.30
N ALA A 310 -9.97 -2.75 16.29
CA ALA A 310 -9.50 -1.83 17.32
C ALA A 310 -8.34 -2.47 18.08
N SER A 311 -8.54 -3.73 18.47
CA SER A 311 -7.50 -4.54 19.10
C SER A 311 -6.28 -4.70 18.19
N ARG A 312 -6.52 -5.03 16.92
CA ARG A 312 -5.43 -5.18 15.96
C ARG A 312 -4.59 -3.91 15.81
N PHE A 313 -5.25 -2.76 15.71
CA PHE A 313 -4.52 -1.50 15.61
C PHE A 313 -3.63 -1.25 16.82
N LYS A 314 -4.20 -1.44 18.01
CA LYS A 314 -3.47 -1.17 19.26
C LYS A 314 -2.25 -2.08 19.43
N GLU A 315 -2.37 -3.33 18.96
CA GLU A 315 -1.27 -4.29 19.02
C GLU A 315 -0.22 -4.08 17.93
N THR A 316 -0.67 -3.89 16.70
CA THR A 316 0.21 -3.90 15.53
C THR A 316 0.63 -2.52 15.03
N GLY A 317 -0.18 -1.50 15.35
CA GLY A 317 0.08 -0.13 14.87
C GLY A 317 -0.36 0.11 13.44
N GLU A 318 -0.93 -0.92 12.81
CA GLU A 318 -1.41 -0.82 11.44
C GLU A 318 -2.83 -0.25 11.42
N ILE A 319 -3.02 0.78 10.61
CA ILE A 319 -4.31 1.48 10.52
C ILE A 319 -5.39 0.58 9.93
N PRO A 320 -6.48 0.34 10.68
CA PRO A 320 -7.58 -0.42 10.11
C PRO A 320 -8.52 0.48 9.31
N PRO A 321 -8.78 0.14 8.03
CA PRO A 321 -9.66 1.00 7.24
C PRO A 321 -11.13 0.71 7.54
N GLN A 322 -11.48 0.91 8.80
CA GLN A 322 -12.81 0.67 9.33
C GLN A 322 -13.38 2.05 9.66
N LYS A 323 -14.54 2.37 9.10
CA LYS A 323 -15.09 3.74 9.13
C LYS A 323 -15.12 4.38 10.52
N GLU A 324 -15.71 3.68 11.48
CA GLU A 324 -15.82 4.20 12.85
C GLU A 324 -14.45 4.37 13.51
N LEU A 325 -13.56 3.41 13.29
CA LEU A 325 -12.23 3.43 13.90
C LEU A 325 -11.36 4.57 13.37
N LEU A 326 -11.54 4.90 12.09
CA LEU A 326 -10.82 6.02 11.47
C LEU A 326 -11.22 7.36 12.07
N ASN A 327 -12.42 7.42 12.65
CA ASN A 327 -12.94 8.62 13.30
C ASN A 327 -12.69 8.63 14.81
N ASP A 328 -12.09 7.54 15.31
CA ASP A 328 -11.80 7.37 16.73
C ASP A 328 -10.50 8.08 17.12
N PRO A 329 -10.46 8.66 18.35
CA PRO A 329 -9.22 9.28 18.86
C PRO A 329 -7.98 8.38 18.83
N MET A 330 -8.17 7.06 18.86
CA MET A 330 -7.04 6.13 18.77
C MET A 330 -6.23 6.32 17.48
N ILE A 331 -6.91 6.80 16.43
CA ILE A 331 -6.27 7.12 15.17
C ILE A 331 -5.97 8.61 15.06
N LYS A 332 -6.99 9.43 15.29
CA LYS A 332 -6.92 10.88 15.06
C LYS A 332 -5.99 11.63 16.03
N ASN A 333 -5.84 11.11 17.24
CA ASN A 333 -5.02 11.78 18.25
C ASN A 333 -3.66 11.12 18.48
N ASN A 334 -3.31 10.20 17.58
CA ASN A 334 -1.98 9.57 17.57
C ASN A 334 -1.06 10.29 16.59
N PRO A 335 0.02 10.92 17.09
CA PRO A 335 0.90 11.78 16.29
C PRO A 335 1.67 11.08 15.17
N VAL A 336 1.77 9.76 15.25
CA VAL A 336 2.51 9.01 14.23
C VAL A 336 1.58 8.14 13.37
N VAL A 337 0.27 8.37 13.52
CA VAL A 337 -0.74 7.60 12.82
C VAL A 337 -1.71 8.51 12.04
N ASN A 338 -2.17 9.57 12.70
CA ASN A 338 -3.18 10.48 12.14
C ASN A 338 -2.87 10.98 10.73
N GLY A 339 -1.63 11.41 10.51
CA GLY A 339 -1.19 11.92 9.20
C GLY A 339 -1.26 10.88 8.09
N PHE A 340 -0.88 9.65 8.41
CA PHE A 340 -0.97 8.54 7.46
C PHE A 340 -2.42 8.25 7.08
N ALA A 341 -3.31 8.26 8.07
CA ALA A 341 -4.73 7.98 7.84
C ALA A 341 -5.37 9.08 6.99
N LYS A 342 -5.05 10.34 7.32
CA LYS A 342 -5.53 11.48 6.55
C LYS A 342 -5.12 11.38 5.08
N GLN A 343 -3.84 11.09 4.86
CA GLN A 343 -3.32 10.94 3.50
C GLN A 343 -3.93 9.73 2.78
N ALA A 344 -4.08 8.63 3.51
CA ALA A 344 -4.67 7.41 2.95
C ALA A 344 -6.11 7.65 2.47
N SER A 345 -6.81 8.56 3.15
CA SER A 345 -8.20 8.89 2.79
C SER A 345 -8.29 9.68 1.49
N LYS A 346 -7.15 10.11 0.97
CA LYS A 346 -7.09 10.89 -0.25
C LYS A 346 -6.33 10.15 -1.35
N GLY A 347 -6.05 8.87 -1.10
CA GLY A 347 -5.30 8.04 -2.03
C GLY A 347 -6.14 7.16 -2.92
N VAL A 348 -5.47 6.43 -3.82
CA VAL A 348 -6.14 5.47 -4.70
C VAL A 348 -5.41 4.12 -4.64
N PRO A 349 -6.17 3.02 -4.79
CA PRO A 349 -5.55 1.70 -4.66
C PRO A 349 -4.50 1.46 -5.74
N MET A 350 -3.37 0.87 -5.36
CA MET A 350 -2.43 0.39 -6.35
C MET A 350 -3.16 -0.57 -7.30
N PRO A 351 -2.94 -0.43 -8.61
CA PRO A 351 -3.54 -1.35 -9.57
C PRO A 351 -3.25 -2.80 -9.18
N SER A 352 -4.27 -3.65 -9.27
CA SER A 352 -4.16 -5.04 -8.84
C SER A 352 -4.15 -6.03 -10.00
N ILE A 353 -4.29 -5.53 -11.22
CA ILE A 353 -4.24 -6.39 -12.42
C ILE A 353 -2.82 -6.96 -12.60
N PRO A 354 -2.70 -8.19 -13.15
CA PRO A 354 -1.38 -8.82 -13.29
C PRO A 354 -0.37 -7.96 -14.05
N GLU A 355 -0.85 -7.19 -15.02
CA GLU A 355 -0.01 -6.35 -15.86
C GLU A 355 0.78 -5.28 -15.10
N MET A 356 0.27 -4.86 -13.93
CA MET A 356 0.99 -3.89 -13.10
C MET A 356 2.36 -4.42 -12.66
N GLY A 357 2.46 -5.74 -12.51
CA GLY A 357 3.71 -6.39 -12.09
C GLY A 357 4.93 -6.05 -12.94
N VAL A 358 4.71 -5.84 -14.23
CA VAL A 358 5.81 -5.55 -15.16
C VAL A 358 5.97 -4.05 -15.45
N VAL A 359 5.17 -3.23 -14.77
CA VAL A 359 5.25 -1.77 -14.93
C VAL A 359 6.40 -1.18 -14.10
N TRP A 360 6.57 -1.69 -12.88
CA TRP A 360 7.52 -1.13 -11.91
C TRP A 360 8.94 -0.98 -12.44
N GLU A 361 9.50 -2.06 -12.99
CA GLU A 361 10.89 -2.06 -13.46
C GLU A 361 11.17 -0.97 -14.52
N PRO A 362 10.43 -0.99 -15.66
CA PRO A 362 10.61 0.04 -16.69
C PRO A 362 10.36 1.47 -16.23
N ILE A 363 9.32 1.69 -15.43
CA ILE A 363 9.01 3.06 -14.97
C ILE A 363 10.08 3.59 -13.99
N ASN A 364 10.58 2.72 -13.12
CA ASN A 364 11.64 3.11 -12.19
C ASN A 364 12.96 3.36 -12.90
N ASN A 365 13.25 2.54 -13.91
CA ASN A 365 14.42 2.76 -14.77
C ASN A 365 14.32 4.11 -15.47
N ALA A 366 13.12 4.45 -15.95
CA ALA A 366 12.86 5.75 -16.55
C ALA A 366 13.16 6.89 -15.59
N HIS A 367 12.80 6.71 -14.32
CA HIS A 367 13.14 7.67 -13.26
C HIS A 367 14.66 7.84 -13.14
N THR A 368 15.37 6.71 -13.15
CA THR A 368 16.84 6.70 -13.06
C THR A 368 17.49 7.44 -14.24
N PHE A 369 17.04 7.15 -15.46
CA PHE A 369 17.59 7.78 -16.65
C PHE A 369 17.38 9.29 -16.63
N VAL A 370 16.22 9.73 -16.14
CA VAL A 370 15.92 11.16 -16.00
C VAL A 370 16.78 11.79 -14.89
N ALA A 371 16.85 11.13 -13.74
CA ALA A 371 17.62 11.60 -12.59
C ALA A 371 19.09 11.82 -12.92
N GLN A 372 19.65 10.92 -13.73
CA GLN A 372 21.05 10.97 -14.12
C GLN A 372 21.30 11.88 -15.32
N GLY A 373 20.23 12.41 -15.89
CA GLY A 373 20.31 13.31 -17.05
C GLY A 373 20.70 12.62 -18.34
N LYS A 374 20.49 11.30 -18.39
CA LYS A 374 20.81 10.50 -19.58
C LYS A 374 19.76 10.65 -20.66
N GLN A 375 18.51 10.85 -20.24
CA GLN A 375 17.39 11.04 -21.16
C GLN A 375 16.44 12.13 -20.69
N THR A 376 15.71 12.72 -21.63
CA THR A 376 14.66 13.67 -21.31
C THR A 376 13.45 12.89 -20.75
N PRO A 377 12.60 13.54 -19.95
CA PRO A 377 11.35 12.93 -19.50
C PRO A 377 10.57 12.22 -20.61
N GLU A 378 10.36 12.89 -21.75
CA GLU A 378 9.61 12.34 -22.87
C GLU A 378 10.25 11.06 -23.43
N GLN A 379 11.58 11.11 -23.64
CA GLN A 379 12.33 9.97 -24.17
C GLN A 379 12.29 8.77 -23.23
N ALA A 380 12.49 9.03 -21.93
CA ALA A 380 12.51 7.96 -20.92
C ALA A 380 11.15 7.29 -20.78
N LEU A 381 10.08 8.10 -20.80
CA LEU A 381 8.73 7.57 -20.67
C LEU A 381 8.29 6.79 -21.90
N ASN A 382 8.63 7.30 -23.09
CA ASN A 382 8.35 6.60 -24.34
C ASN A 382 9.01 5.23 -24.38
N ASP A 383 10.28 5.18 -23.96
CA ASP A 383 11.03 3.92 -23.88
C ASP A 383 10.44 2.96 -22.86
N ALA A 384 10.06 3.50 -21.69
CA ALA A 384 9.51 2.69 -20.61
C ALA A 384 8.19 2.04 -21.00
N VAL A 385 7.30 2.81 -21.65
CA VAL A 385 6.00 2.30 -22.06
C VAL A 385 6.15 1.22 -23.15
N LYS A 386 7.06 1.44 -24.10
CA LYS A 386 7.38 0.44 -25.11
C LYS A 386 7.80 -0.89 -24.46
N ILE A 387 8.65 -0.80 -23.44
CA ILE A 387 9.12 -1.98 -22.70
C ILE A 387 7.97 -2.69 -21.97
N MET A 388 7.11 -1.92 -21.32
CA MET A 388 5.94 -2.45 -20.63
C MET A 388 5.05 -3.27 -21.55
N LYS A 389 4.72 -2.68 -22.70
CA LYS A 389 3.76 -3.28 -23.64
C LYS A 389 4.28 -4.58 -24.24
N GLU A 390 5.59 -4.69 -24.39
CA GLU A 390 6.22 -5.93 -24.82
C GLU A 390 6.13 -6.99 -23.72
N LYS A 391 6.40 -6.58 -22.48
CA LYS A 391 6.38 -7.47 -21.31
C LYS A 391 4.97 -7.98 -20.98
N ILE A 392 3.97 -7.16 -21.25
CA ILE A 392 2.57 -7.51 -21.01
C ILE A 392 2.10 -8.69 -21.87
N GLN A 393 2.55 -8.72 -23.12
CA GLN A 393 2.17 -9.78 -24.06
C GLN A 393 3.09 -11.01 -23.97
N THR A 394 4.15 -10.91 -23.18
CA THR A 394 5.18 -11.96 -23.12
C THR A 394 4.74 -13.27 -22.45
N MET A 395 4.83 -13.33 -21.12
CA MET A 395 4.58 -14.56 -20.37
C MET A 395 3.18 -14.64 -19.77
N LYS A 396 2.44 -13.54 -19.87
CA LYS A 396 1.14 -13.41 -19.23
C LYS A 396 0.02 -14.12 -19.99
N GLN A 397 -0.90 -14.71 -19.24
CA GLN A 397 -2.04 -15.44 -19.79
C GLN A 397 -3.36 -14.86 -19.28
C1 GLC B . 6.79 0.02 0.77
C2 GLC B . 5.49 -0.70 0.30
C3 GLC B . 5.66 -1.41 -1.06
C4 GLC B . 6.38 -0.53 -2.08
C5 GLC B . 7.67 0.00 -1.47
C6 GLC B . 8.46 0.90 -2.42
O1 GLC B . 7.74 -0.88 1.21
O2 GLC B . 5.08 -1.65 1.28
O3 GLC B . 4.37 -1.74 -1.57
O4 GLC B . 6.68 -1.30 -3.26
O5 GLC B . 7.37 0.79 -0.30
O6 GLC B . 9.52 0.19 -3.04
C1 GLC B . 5.89 -1.00 -4.38
C2 GLC B . 5.31 -2.29 -4.95
C3 GLC B . 6.41 -3.16 -5.54
C4 GLC B . 7.21 -2.37 -6.58
C5 GLC B . 7.73 -1.07 -5.96
C6 GLC B . 8.42 -0.17 -6.97
O2 GLC B . 4.63 -3.01 -3.93
O3 GLC B . 5.86 -4.32 -6.14
O4 GLC B . 8.31 -3.14 -7.04
O5 GLC B . 6.63 -0.31 -5.39
O6 GLC B . 9.75 0.11 -6.58
#